data_3IGC
#
_entry.id   3IGC
#
_cell.length_a   103.999
_cell.length_b   103.999
_cell.length_c   93.010
_cell.angle_alpha   90.00
_cell.angle_beta   90.00
_cell.angle_gamma   90.00
#
_symmetry.space_group_name_H-M   'P 42 21 2'
#
loop_
_entity.id
_entity.type
_entity.pdbx_description
1 polymer 'DNA topoisomerase 1'
2 polymer "5'-D(*GP*TP*GP*TP*CP*GP*CP*CP*CP*TP*T)-3'"
3 polymer "5'-D(*AP*TP*TP*CP*C)-3'"
4 polymer "5'-D(*CP*GP*GP*AP*AP*TP*AP*AP*GP*GP*GP*CP*GP*AP*CP*A)-3'"
5 non-polymer 'VANADATE ION'
6 water water
#
loop_
_entity_poly.entity_id
_entity_poly.type
_entity_poly.pdbx_seq_one_letter_code
_entity_poly.pdbx_strand_id
1 'polypeptide(L)'
;MRALFYKDGKLFTDNNFLNPVSDNNPAYEVLQHVKIPTHLTDVVVYGQTWEEALTRLIFVGSDSKGRRQYFYGKMHVQNR
NAKRDRIFVRVYNVMKRINSFINKNIKKSSTDSNYQLAVFMLMETMFFIRFGKMKYLKENETVGLLTLKNKHIEISPDKI
VIKFVGKDKVSHEFVVHKSNRLYKPLLKLTDDSSPEEFLFNKLSERKVYESIKQFGIRIKDLRTYGVNYTFLYNFWTNVK
SISPLPSPKKLIALTIKQTAEVVGHTPSISKRAYMATTILEMVKDKNFLDVVSKTTFDEFLSIVVDHVKSSTDG
;
A
2 'polydeoxyribonucleotide' (DG)(DT)(DG)(DT)(DC)(DG)(DC)(DC)(DC)(DT)(DT) B
3 'polydeoxyribonucleotide' (DA)(DT)(DT)(DC)(DC) C
4 'polydeoxyribonucleotide' (DC)(DG)(DG)(DA)(DA)(DT)(DA)(DA)(DG)(DG)(DG)(DC)(DG)(DA)(DC)(DA) D
#
loop_
_chem_comp.id
_chem_comp.type
_chem_comp.name
_chem_comp.formula
DA DNA linking 2'-DEOXYADENOSINE-5'-MONOPHOSPHATE 'C10 H14 N5 O6 P'
DC DNA linking 2'-DEOXYCYTIDINE-5'-MONOPHOSPHATE 'C9 H14 N3 O7 P'
DG DNA linking 2'-DEOXYGUANOSINE-5'-MONOPHOSPHATE 'C10 H14 N5 O7 P'
DT DNA linking THYMIDINE-5'-MONOPHOSPHATE 'C10 H15 N2 O8 P'
VO4 non-polymer 'VANADATE ION' 'O4 V -3'
#
# COMPACT_ATOMS: atom_id res chain seq x y z
N MET A 1 7.90 -27.12 -2.68
CA MET A 1 7.53 -27.91 -3.90
C MET A 1 8.67 -27.71 -4.90
N ARG A 2 8.95 -28.71 -5.74
CA ARG A 2 10.05 -28.58 -6.73
C ARG A 2 9.64 -27.68 -7.91
N ALA A 3 10.58 -26.81 -8.31
CA ALA A 3 10.34 -25.96 -9.50
C ALA A 3 10.60 -26.76 -10.76
N LEU A 4 9.55 -27.01 -11.53
CA LEU A 4 9.68 -27.65 -12.83
C LEU A 4 9.68 -26.59 -13.93
N PHE A 5 10.28 -26.91 -15.08
CA PHE A 5 10.47 -26.00 -16.17
C PHE A 5 9.52 -26.42 -17.28
N TYR A 6 8.84 -25.43 -17.84
CA TYR A 6 7.71 -25.62 -18.74
C TYR A 6 8.15 -25.25 -20.15
N LYS A 7 7.83 -26.11 -21.11
CA LYS A 7 8.08 -25.83 -22.52
C LYS A 7 7.03 -26.52 -23.36
N ASP A 8 6.24 -25.71 -24.06
CA ASP A 8 5.29 -26.18 -25.06
C ASP A 8 4.37 -27.26 -24.51
N GLY A 9 3.82 -27.00 -23.32
CA GLY A 9 2.81 -27.89 -22.70
C GLY A 9 3.45 -28.99 -21.84
N LYS A 10 4.79 -29.06 -21.84
CA LYS A 10 5.48 -30.19 -21.27
C LYS A 10 6.32 -29.74 -20.09
N LEU A 11 6.53 -30.62 -19.12
CA LEU A 11 7.26 -30.26 -17.91
C LEU A 11 8.56 -31.06 -17.73
N PHE A 12 9.58 -30.38 -17.22
CA PHE A 12 10.90 -30.93 -17.10
C PHE A 12 11.51 -30.57 -15.75
N THR A 13 12.47 -31.38 -15.28
CA THR A 13 13.16 -31.07 -14.04
C THR A 13 14.35 -30.12 -14.28
N ASP A 14 14.72 -29.90 -15.54
CA ASP A 14 15.91 -29.09 -15.87
C ASP A 14 15.59 -28.00 -16.90
N ASN A 15 16.37 -26.93 -16.87
CA ASN A 15 15.98 -25.75 -17.64
C ASN A 15 16.35 -25.89 -19.12
N ASN A 16 17.11 -26.94 -19.45
CA ASN A 16 17.45 -27.27 -20.82
C ASN A 16 16.43 -28.25 -21.45
N PHE A 17 15.42 -28.66 -20.68
CA PHE A 17 14.32 -29.52 -21.17
C PHE A 17 14.81 -30.87 -21.68
N LEU A 18 15.82 -31.43 -21.02
CA LEU A 18 16.32 -32.76 -21.39
C LEU A 18 15.75 -33.88 -20.50
N ASN A 19 15.16 -33.50 -19.36
CA ASN A 19 14.74 -34.50 -18.41
C ASN A 19 13.26 -34.37 -18.04
N PRO A 20 12.37 -35.03 -18.81
CA PRO A 20 10.92 -34.88 -18.60
C PRO A 20 10.42 -35.50 -17.29
N VAL A 21 9.39 -34.91 -16.70
CA VAL A 21 8.73 -35.54 -15.55
C VAL A 21 7.79 -36.63 -16.03
N SER A 22 7.27 -37.45 -15.13
CA SER A 22 6.30 -38.48 -15.53
C SER A 22 4.99 -37.82 -15.99
N ASP A 23 4.26 -38.52 -16.85
CA ASP A 23 2.99 -38.04 -17.42
C ASP A 23 1.95 -37.82 -16.32
N ASN A 24 2.11 -38.55 -15.21
CA ASN A 24 1.20 -38.40 -14.08
C ASN A 24 1.66 -37.44 -12.99
N ASN A 25 2.68 -36.65 -13.26
CA ASN A 25 3.10 -35.63 -12.30
C ASN A 25 1.86 -34.76 -12.01
N PRO A 26 1.62 -34.47 -10.72
CA PRO A 26 0.44 -33.66 -10.36
C PRO A 26 0.40 -32.22 -10.95
N ALA A 27 1.56 -31.65 -11.31
CA ALA A 27 1.57 -30.33 -11.92
C ALA A 27 0.85 -30.29 -13.26
N TYR A 28 0.72 -31.44 -13.93
CA TYR A 28 -0.08 -31.51 -15.16
C TYR A 28 -1.57 -31.25 -14.89
N GLU A 29 -2.03 -31.57 -13.68
CA GLU A 29 -3.40 -31.23 -13.26
C GLU A 29 -3.54 -29.73 -13.10
N VAL A 30 -2.57 -29.11 -12.41
CA VAL A 30 -2.47 -27.67 -12.35
C VAL A 30 -2.61 -27.03 -13.75
N LEU A 31 -1.86 -27.54 -14.72
CA LEU A 31 -1.93 -27.00 -16.08
C LEU A 31 -3.30 -27.13 -16.73
N GLN A 32 -4.16 -28.01 -16.19
CA GLN A 32 -5.54 -28.15 -16.68
C GLN A 32 -6.41 -27.01 -16.12
N HIS A 33 -5.93 -26.36 -15.07
CA HIS A 33 -6.70 -25.31 -14.40
C HIS A 33 -6.20 -23.90 -14.65
N VAL A 34 -5.02 -23.70 -15.22
CA VAL A 34 -4.51 -22.35 -15.41
C VAL A 34 -3.94 -22.16 -16.82
N LYS A 35 -3.99 -20.94 -17.32
CA LYS A 35 -3.44 -20.63 -18.65
C LYS A 35 -2.02 -20.12 -18.48
N ILE A 36 -1.01 -20.73 -19.11
CA ILE A 36 0.33 -20.08 -19.11
C ILE A 36 0.26 -18.93 -20.15
N PRO A 37 0.43 -17.67 -19.72
CA PRO A 37 0.35 -16.57 -20.67
C PRO A 37 1.44 -16.66 -21.76
N THR A 38 1.02 -16.54 -23.02
CA THR A 38 1.93 -16.62 -24.14
C THR A 38 3.04 -15.55 -24.06
N HIS A 39 2.80 -14.40 -23.43
CA HIS A 39 3.84 -13.35 -23.33
C HIS A 39 4.93 -13.64 -22.28
N LEU A 40 4.85 -14.76 -21.56
CA LEU A 40 5.91 -15.03 -20.56
C LEU A 40 6.90 -16.05 -21.06
N THR A 41 8.17 -15.92 -20.64
CA THR A 41 9.17 -16.90 -21.01
C THR A 41 9.84 -17.51 -19.81
N ASP A 42 10.65 -18.53 -20.07
CA ASP A 42 11.41 -19.17 -19.02
C ASP A 42 10.45 -19.53 -17.87
N VAL A 43 9.36 -20.22 -18.20
CA VAL A 43 8.26 -20.45 -17.20
C VAL A 43 8.64 -21.58 -16.25
N VAL A 44 8.40 -21.35 -14.98
CA VAL A 44 8.60 -22.33 -13.95
C VAL A 44 7.22 -22.67 -13.38
N VAL A 45 6.93 -23.96 -13.25
CA VAL A 45 5.68 -24.44 -12.66
C VAL A 45 6.01 -25.35 -11.47
N TYR A 46 5.40 -25.09 -10.30
CA TYR A 46 5.67 -25.89 -9.11
C TYR A 46 4.97 -27.24 -9.12
N GLY A 47 5.72 -28.26 -8.70
CA GLY A 47 5.22 -29.64 -8.72
C GLY A 47 4.35 -29.89 -7.50
N GLN A 48 3.03 -29.83 -7.71
CA GLN A 48 2.04 -29.90 -6.64
C GLN A 48 0.69 -30.24 -7.27
N THR A 49 -0.28 -30.67 -6.45
CA THR A 49 -1.66 -30.84 -6.93
C THR A 49 -2.37 -29.46 -7.06
N TRP A 50 -3.54 -29.42 -7.71
CA TRP A 50 -4.34 -28.17 -7.78
C TRP A 50 -4.82 -27.75 -6.35
N GLU A 51 -5.22 -28.71 -5.54
CA GLU A 51 -5.59 -28.44 -4.14
C GLU A 51 -4.44 -27.73 -3.37
N GLU A 52 -3.22 -28.24 -3.51
CA GLU A 52 -2.03 -27.60 -2.95
C GLU A 52 -1.76 -26.22 -3.56
N ALA A 53 -1.98 -26.09 -4.88
CA ALA A 53 -1.78 -24.79 -5.59
C ALA A 53 -2.68 -23.63 -5.12
N LEU A 54 -3.84 -23.98 -4.59
CA LEU A 54 -4.81 -22.99 -4.13
C LEU A 54 -4.21 -21.99 -3.15
N THR A 55 -3.33 -22.47 -2.28
CA THR A 55 -2.81 -21.68 -1.17
C THR A 55 -1.35 -21.25 -1.38
N ARG A 56 -0.82 -21.44 -2.59
CA ARG A 56 0.62 -21.37 -2.85
C ARG A 56 0.97 -20.63 -4.17
N LEU A 57 2.27 -20.44 -4.37
CA LEU A 57 2.82 -20.04 -5.65
C LEU A 57 2.58 -21.16 -6.66
N ILE A 58 2.11 -20.80 -7.85
CA ILE A 58 1.73 -21.82 -8.83
C ILE A 58 2.76 -21.83 -9.94
N PHE A 59 2.97 -20.68 -10.57
CA PHE A 59 3.97 -20.56 -11.64
C PHE A 59 4.61 -19.19 -11.72
N VAL A 60 5.79 -19.11 -12.36
CA VAL A 60 6.47 -17.83 -12.54
C VAL A 60 7.04 -17.72 -13.96
N GLY A 61 7.07 -16.54 -14.56
CA GLY A 61 7.64 -16.45 -15.93
C GLY A 61 8.21 -15.08 -16.13
N SER A 62 9.01 -14.89 -17.18
CA SER A 62 9.61 -13.58 -17.46
C SER A 62 8.79 -12.84 -18.50
N ASP A 63 8.50 -11.57 -18.25
CA ASP A 63 7.74 -10.75 -19.19
C ASP A 63 8.74 -10.12 -20.16
N SER A 64 8.29 -9.21 -21.00
CA SER A 64 9.15 -8.69 -22.09
C SER A 64 10.32 -7.83 -21.59
N LYS A 65 10.25 -7.34 -20.35
CA LYS A 65 11.38 -6.60 -19.82
C LYS A 65 12.25 -7.49 -18.96
N GLY A 66 12.01 -8.79 -18.96
CA GLY A 66 12.84 -9.70 -18.17
C GLY A 66 12.47 -9.80 -16.68
N ARG A 67 11.38 -9.14 -16.26
CA ARG A 67 10.91 -9.23 -14.86
C ARG A 67 10.19 -10.54 -14.59
N ARG A 68 10.43 -11.13 -13.43
CA ARG A 68 9.84 -12.40 -13.03
C ARG A 68 8.47 -12.12 -12.44
N GLN A 69 7.44 -12.69 -13.05
CA GLN A 69 6.05 -12.43 -12.68
C GLN A 69 5.51 -13.70 -12.03
N TYR A 70 4.85 -13.58 -10.86
CA TYR A 70 4.49 -14.69 -9.97
C TYR A 70 2.97 -14.83 -9.96
N PHE A 71 2.46 -16.05 -10.08
N PHE A 71 2.47 -16.07 -9.96
CA PHE A 71 1.01 -16.25 -10.07
CA PHE A 71 1.04 -16.28 -10.07
C PHE A 71 0.71 -17.12 -8.88
C PHE A 71 0.54 -17.22 -8.99
N TYR A 72 -0.25 -16.67 -8.06
CA TYR A 72 -0.65 -17.36 -6.82
C TYR A 72 -2.09 -17.91 -6.85
N GLY A 73 -2.33 -18.96 -6.07
CA GLY A 73 -3.67 -19.54 -5.94
C GLY A 73 -4.65 -18.62 -5.26
N LYS A 74 -5.94 -18.87 -5.50
CA LYS A 74 -7.06 -18.06 -5.03
C LYS A 74 -7.13 -17.94 -3.52
N MET A 75 -6.82 -19.02 -2.81
CA MET A 75 -6.82 -18.95 -1.35
C MET A 75 -5.62 -18.12 -0.81
N HIS A 76 -4.48 -18.17 -1.50
CA HIS A 76 -3.36 -17.28 -1.15
C HIS A 76 -3.86 -15.84 -1.22
N VAL A 77 -4.57 -15.51 -2.31
CA VAL A 77 -5.09 -14.18 -2.55
C VAL A 77 -6.11 -13.80 -1.44
N GLN A 78 -7.03 -14.72 -1.13
CA GLN A 78 -8.03 -14.49 -0.07
C GLN A 78 -7.35 -14.28 1.30
N ASN A 79 -6.29 -15.06 1.57
CA ASN A 79 -5.57 -14.92 2.84
C ASN A 79 -4.85 -13.59 2.90
N ARG A 80 -4.38 -13.13 1.74
CA ARG A 80 -3.75 -11.83 1.64
C ARG A 80 -4.77 -10.72 1.97
N ASN A 81 -5.93 -10.78 1.34
CA ASN A 81 -7.04 -9.83 1.60
C ASN A 81 -7.43 -9.79 3.07
N ALA A 82 -7.51 -10.95 3.71
CA ALA A 82 -7.90 -11.05 5.13
C ALA A 82 -6.95 -10.34 6.09
N LYS A 83 -5.67 -10.18 5.69
CA LYS A 83 -4.70 -9.55 6.56
C LYS A 83 -4.97 -8.06 6.81
N ARG A 84 -5.73 -7.45 5.92
CA ARG A 84 -5.83 -5.98 6.01
C ARG A 84 -6.58 -5.51 7.25
N ASP A 85 -7.57 -6.31 7.68
CA ASP A 85 -8.24 -6.10 8.96
C ASP A 85 -7.18 -5.95 10.07
N ARG A 86 -6.26 -6.92 10.13
CA ARG A 86 -5.25 -6.99 11.20
C ARG A 86 -4.27 -5.82 11.13
N ILE A 87 -3.86 -5.50 9.91
CA ILE A 87 -2.94 -4.39 9.64
C ILE A 87 -3.61 -3.09 10.08
N PHE A 88 -4.90 -2.95 9.81
CA PHE A 88 -5.60 -1.73 10.19
C PHE A 88 -5.60 -1.54 11.71
N VAL A 89 -5.88 -2.60 12.46
CA VAL A 89 -5.86 -2.53 13.94
C VAL A 89 -4.43 -2.23 14.44
N ARG A 90 -3.46 -2.94 13.87
CA ARG A 90 -2.07 -2.83 14.30
C ARG A 90 -1.55 -1.40 14.17
N VAL A 91 -1.79 -0.77 13.03
CA VAL A 91 -1.37 0.61 12.84
C VAL A 91 -2.09 1.57 13.80
N TYR A 92 -3.40 1.39 13.98
CA TYR A 92 -4.16 2.24 14.90
C TYR A 92 -3.52 2.19 16.29
N ASN A 93 -3.14 0.97 16.72
CA ASN A 93 -2.56 0.70 18.04
C ASN A 93 -1.15 1.27 18.20
N VAL A 94 -0.48 1.57 17.08
CA VAL A 94 0.90 2.05 17.17
C VAL A 94 1.04 3.53 16.76
N MET A 95 -0.07 4.17 16.35
CA MET A 95 0.00 5.55 15.87
C MET A 95 0.48 6.55 16.93
N LYS A 96 0.05 6.39 18.18
CA LYS A 96 0.54 7.33 19.19
C LYS A 96 2.05 7.34 19.40
N ARG A 97 2.63 6.14 19.35
CA ARG A 97 4.10 5.97 19.35
C ARG A 97 4.80 6.65 18.16
N ILE A 98 4.19 6.52 16.98
CA ILE A 98 4.75 7.13 15.79
C ILE A 98 4.74 8.66 16.00
N ASN A 99 3.62 9.18 16.51
CA ASN A 99 3.52 10.63 16.73
C ASN A 99 4.46 11.12 17.84
N SER A 100 4.67 10.29 18.84
CA SER A 100 5.64 10.58 19.90
C SER A 100 7.11 10.65 19.33
N PHE A 101 7.44 9.74 18.43
CA PHE A 101 8.74 9.71 17.75
C PHE A 101 8.93 10.95 16.86
N ILE A 102 7.91 11.26 16.07
CA ILE A 102 7.92 12.49 15.26
C ILE A 102 8.17 13.73 16.12
N ASN A 103 7.38 13.89 17.18
CA ASN A 103 7.39 15.11 17.95
C ASN A 103 8.72 15.34 18.67
N LYS A 104 9.32 14.24 19.12
CA LYS A 104 10.64 14.18 19.77
C LYS A 104 11.77 14.63 18.81
N ASN A 105 11.65 14.26 17.54
CA ASN A 105 12.75 14.39 16.62
C ASN A 105 12.68 15.60 15.68
N ILE A 106 11.49 16.17 15.59
CA ILE A 106 11.18 17.18 14.61
C ILE A 106 11.73 18.56 15.01
N LYS A 107 12.35 18.63 16.17
CA LYS A 107 12.93 19.88 16.64
C LYS A 107 14.45 19.91 16.42
N LYS A 108 14.99 18.80 15.93
CA LYS A 108 16.42 18.66 15.69
C LYS A 108 16.87 19.40 14.44
N SER A 109 18.18 19.43 14.19
CA SER A 109 18.67 20.10 12.99
C SER A 109 18.31 19.30 11.72
N SER A 110 18.08 20.00 10.62
CA SER A 110 17.64 19.38 9.34
C SER A 110 18.67 18.40 8.75
N THR A 111 19.94 18.50 9.17
CA THR A 111 20.94 17.56 8.70
C THR A 111 21.05 16.31 9.60
N ASP A 112 20.26 16.24 10.67
CA ASP A 112 20.29 15.10 11.58
C ASP A 112 19.40 14.00 10.98
N SER A 113 19.91 12.77 10.90
CA SER A 113 19.12 11.68 10.25
C SER A 113 17.81 11.42 11.02
N ASN A 114 17.83 11.65 12.34
CA ASN A 114 16.62 11.45 13.16
C ASN A 114 15.54 12.47 12.83
N TYR A 115 15.96 13.71 12.62
CA TYR A 115 15.07 14.74 12.12
C TYR A 115 14.48 14.31 10.78
N GLN A 116 15.33 13.83 9.89
CA GLN A 116 14.85 13.46 8.55
C GLN A 116 13.86 12.31 8.63
N LEU A 117 14.15 11.34 9.48
CA LEU A 117 13.25 10.24 9.74
C LEU A 117 11.91 10.75 10.29
N ALA A 118 11.97 11.72 11.22
CA ALA A 118 10.75 12.34 11.74
C ALA A 118 9.91 12.93 10.60
N VAL A 119 10.58 13.66 9.69
CA VAL A 119 9.85 14.30 8.61
C VAL A 119 9.32 13.23 7.63
N PHE A 120 10.10 12.18 7.41
CA PHE A 120 9.65 11.06 6.58
C PHE A 120 8.32 10.45 7.13
N MET A 121 8.30 10.20 8.44
CA MET A 121 7.13 9.56 9.07
C MET A 121 5.92 10.50 9.05
N LEU A 122 6.16 11.80 9.27
CA LEU A 122 5.11 12.82 9.21
C LEU A 122 4.49 12.93 7.80
N MET A 123 5.34 13.08 6.80
CA MET A 123 4.84 13.08 5.42
C MET A 123 4.05 11.81 5.09
N GLU A 124 4.56 10.68 5.54
CA GLU A 124 3.94 9.39 5.26
C GLU A 124 2.54 9.29 5.93
N THR A 125 2.42 9.67 7.23
CA THR A 125 1.15 9.47 7.93
C THR A 125 0.12 10.52 7.55
N MET A 126 0.60 11.62 6.93
CA MET A 126 -0.26 12.65 6.40
C MET A 126 -0.73 12.32 4.97
N PHE A 127 0.19 11.83 4.12
CA PHE A 127 -0.11 11.67 2.67
C PHE A 127 -0.13 10.24 2.09
N PHE A 128 0.35 9.27 2.85
CA PHE A 128 0.28 7.84 2.47
C PHE A 128 1.11 7.51 1.24
N ILE A 129 2.08 8.39 0.94
CA ILE A 129 2.92 8.26 -0.26
C ILE A 129 3.71 6.93 -0.23
N ARG A 130 3.90 6.32 -1.40
CA ARG A 130 4.69 5.06 -1.49
C ARG A 130 6.15 5.26 -1.06
N PHE A 131 6.76 4.18 -0.56
CA PHE A 131 8.11 4.18 -0.01
C PHE A 131 9.10 4.90 -0.94
N GLY A 132 9.06 4.57 -2.22
CA GLY A 132 10.00 5.11 -3.24
C GLY A 132 11.38 4.43 -3.29
N LYS A 133 11.42 3.18 -3.64
CA LYS A 133 12.70 2.50 -3.84
C LYS A 133 13.50 3.11 -4.99
N MET A 134 14.79 3.25 -4.73
CA MET A 134 15.75 3.77 -5.69
C MET A 134 15.73 3.02 -7.02
N LYS A 135 15.60 1.70 -6.95
CA LYS A 135 15.60 0.88 -8.15
C LYS A 135 14.56 1.36 -9.19
N TYR A 136 13.35 1.75 -8.78
CA TYR A 136 12.34 2.16 -9.78
C TYR A 136 12.57 3.57 -10.27
N LEU A 137 13.22 4.38 -9.44
CA LEU A 137 13.73 5.67 -9.90
C LEU A 137 14.73 5.45 -11.05
N LYS A 138 15.71 4.58 -10.82
CA LYS A 138 16.70 4.32 -11.87
C LYS A 138 16.07 3.67 -13.11
N GLU A 139 15.25 2.64 -12.87
CA GLU A 139 14.64 1.89 -13.98
C GLU A 139 13.61 2.72 -14.76
N ASN A 140 12.72 3.42 -14.05
CA ASN A 140 11.48 3.99 -14.64
C ASN A 140 11.27 5.51 -14.42
N GLU A 141 12.24 6.13 -13.74
CA GLU A 141 12.14 7.53 -13.32
C GLU A 141 11.00 7.74 -12.31
N THR A 142 10.60 6.67 -11.63
CA THR A 142 9.52 6.76 -10.66
C THR A 142 9.99 7.43 -9.34
N VAL A 143 9.20 8.37 -8.83
CA VAL A 143 9.52 9.03 -7.57
C VAL A 143 8.50 8.59 -6.50
N GLY A 144 9.02 8.29 -5.32
CA GLY A 144 8.18 8.09 -4.16
C GLY A 144 8.81 8.88 -3.01
N LEU A 145 8.46 8.53 -1.77
CA LEU A 145 8.84 9.41 -0.66
C LEU A 145 10.37 9.52 -0.49
N LEU A 146 11.04 8.37 -0.47
CA LEU A 146 12.46 8.34 -0.22
C LEU A 146 13.24 8.97 -1.37
N THR A 147 12.65 8.98 -2.57
CA THR A 147 13.37 9.46 -3.77
C THR A 147 12.97 10.90 -4.18
N LEU A 148 12.23 11.58 -3.32
CA LEU A 148 11.91 12.96 -3.52
C LEU A 148 13.20 13.80 -3.59
N LYS A 149 13.22 14.79 -4.48
CA LYS A 149 14.33 15.71 -4.60
C LYS A 149 13.79 17.10 -4.34
N ASN A 150 14.70 18.04 -4.14
CA ASN A 150 14.33 19.42 -3.83
C ASN A 150 13.50 20.04 -4.99
N LYS A 151 13.81 19.65 -6.22
CA LYS A 151 12.99 20.06 -7.38
C LYS A 151 11.48 19.77 -7.25
N HIS A 152 11.12 18.70 -6.55
CA HIS A 152 9.73 18.26 -6.36
C HIS A 152 8.98 19.08 -5.30
N ILE A 153 9.72 19.93 -4.60
CA ILE A 153 9.19 20.71 -3.50
C ILE A 153 9.16 22.16 -3.96
N GLU A 154 7.95 22.69 -4.10
CA GLU A 154 7.80 24.06 -4.55
C GLU A 154 7.32 25.01 -3.48
N ILE A 155 8.16 26.00 -3.21
CA ILE A 155 7.93 26.86 -2.06
C ILE A 155 7.31 28.17 -2.48
N SER A 156 6.17 28.47 -1.85
CA SER A 156 5.46 29.74 -2.04
C SER A 156 5.40 30.36 -0.67
N PRO A 157 5.17 31.70 -0.59
CA PRO A 157 5.11 32.31 0.76
C PRO A 157 3.97 31.75 1.63
N ASP A 158 2.86 31.40 1.00
CA ASP A 158 1.70 30.81 1.71
C ASP A 158 1.82 29.27 1.91
N LYS A 159 2.39 28.58 0.92
CA LYS A 159 2.30 27.14 0.88
C LYS A 159 3.57 26.44 0.39
N ILE A 160 3.56 25.13 0.57
CA ILE A 160 4.51 24.21 -0.07
C ILE A 160 3.71 23.17 -0.87
N VAL A 161 4.10 22.97 -2.13
CA VAL A 161 3.48 21.94 -2.98
C VAL A 161 4.50 20.87 -3.33
N ILE A 162 4.15 19.64 -2.99
CA ILE A 162 4.92 18.46 -3.34
C ILE A 162 4.32 17.89 -4.63
N LYS A 163 5.10 17.92 -5.72
CA LYS A 163 4.63 17.34 -6.98
C LYS A 163 5.67 16.47 -7.63
N PHE A 164 5.24 15.29 -8.04
CA PHE A 164 6.14 14.26 -8.54
C PHE A 164 5.31 13.28 -9.35
N VAL A 165 6.00 12.50 -10.19
CA VAL A 165 5.41 11.40 -10.98
C VAL A 165 5.75 10.05 -10.34
N GLY A 166 4.72 9.34 -9.87
CA GLY A 166 4.89 8.14 -9.07
C GLY A 166 4.58 6.88 -9.87
N LYS A 167 4.21 5.81 -9.17
CA LYS A 167 4.01 4.54 -9.80
C LYS A 167 3.02 4.66 -10.97
N ASP A 168 3.34 3.97 -12.06
CA ASP A 168 2.55 3.92 -13.25
C ASP A 168 2.39 5.27 -13.96
N LYS A 169 3.40 6.15 -13.79
CA LYS A 169 3.42 7.48 -14.43
C LYS A 169 2.25 8.34 -14.00
N VAL A 170 1.65 8.03 -12.84
CA VAL A 170 0.57 8.84 -12.28
C VAL A 170 1.15 10.02 -11.51
N SER A 171 0.78 11.20 -11.96
CA SER A 171 1.25 12.46 -11.39
C SER A 171 0.52 12.74 -10.07
N HIS A 172 1.27 13.21 -9.08
CA HIS A 172 0.73 13.54 -7.75
C HIS A 172 1.14 14.95 -7.27
N GLU A 173 0.17 15.62 -6.64
CA GLU A 173 0.37 16.90 -5.99
C GLU A 173 -0.24 16.91 -4.57
N PHE A 174 0.58 17.15 -3.55
CA PHE A 174 0.10 17.31 -2.17
C PHE A 174 0.48 18.71 -1.69
N VAL A 175 -0.47 19.41 -1.09
CA VAL A 175 -0.24 20.78 -0.62
C VAL A 175 -0.13 20.89 0.91
N VAL A 176 0.90 21.60 1.36
CA VAL A 176 1.16 21.81 2.79
C VAL A 176 1.02 23.29 3.04
N HIS A 177 -0.09 23.68 3.67
CA HIS A 177 -0.36 25.09 3.98
C HIS A 177 0.40 25.55 5.23
N LYS A 178 0.50 26.87 5.41
CA LYS A 178 1.21 27.47 6.55
C LYS A 178 0.79 26.91 7.92
N SER A 179 -0.49 26.58 8.06
CA SER A 179 -1.04 26.19 9.34
C SER A 179 -0.76 24.72 9.67
N ASN A 180 -0.16 24.00 8.72
CA ASN A 180 0.13 22.58 8.88
C ASN A 180 1.37 22.31 9.75
N ARG A 181 1.25 21.31 10.61
CA ARG A 181 2.35 20.72 11.39
C ARG A 181 3.62 20.56 10.54
N LEU A 182 3.41 20.15 9.30
CA LEU A 182 4.46 19.76 8.39
C LEU A 182 5.19 20.94 7.79
N TYR A 183 4.53 22.10 7.70
CA TYR A 183 5.06 23.23 6.96
C TYR A 183 6.47 23.68 7.40
N LYS A 184 6.64 23.92 8.70
CA LYS A 184 7.92 24.45 9.17
C LYS A 184 9.08 23.46 8.95
N PRO A 185 8.93 22.19 9.39
CA PRO A 185 10.04 21.25 9.19
C PRO A 185 10.35 20.87 7.73
N LEU A 186 9.33 20.86 6.88
CA LEU A 186 9.56 20.66 5.45
C LEU A 186 10.32 21.86 4.84
N LEU A 187 9.86 23.08 5.12
CA LEU A 187 10.58 24.27 4.68
C LEU A 187 12.05 24.20 5.15
N LYS A 188 12.23 23.83 6.43
CA LYS A 188 13.59 23.64 6.97
C LYS A 188 14.42 22.55 6.24
N LEU A 189 13.82 21.40 5.95
CA LEU A 189 14.53 20.28 5.32
C LEU A 189 14.96 20.60 3.88
N THR A 190 14.04 21.16 3.10
CA THR A 190 14.33 21.44 1.69
C THR A 190 15.50 22.37 1.45
N ASP A 191 16.29 22.03 0.45
CA ASP A 191 17.37 22.89 0.01
C ASP A 191 17.06 23.41 -1.39
N ASP A 192 16.51 24.63 -1.46
CA ASP A 192 16.19 25.31 -2.72
C ASP A 192 17.36 25.36 -3.70
N SER A 193 18.56 25.59 -3.16
CA SER A 193 19.76 25.72 -3.98
C SER A 193 20.26 24.42 -4.63
N SER A 194 19.68 23.26 -4.25
CA SER A 194 20.12 21.97 -4.79
C SER A 194 18.94 21.15 -5.40
N PRO A 195 18.38 21.63 -6.54
CA PRO A 195 17.19 20.94 -7.08
C PRO A 195 17.38 19.44 -7.32
N GLU A 196 18.60 19.05 -7.73
CA GLU A 196 18.84 17.64 -8.06
C GLU A 196 19.24 16.76 -6.88
N GLU A 197 19.36 17.32 -5.67
CA GLU A 197 19.73 16.51 -4.52
C GLU A 197 18.48 15.90 -3.88
N PHE A 198 18.62 14.73 -3.27
CA PHE A 198 17.52 14.17 -2.49
C PHE A 198 17.17 15.02 -1.25
N LEU A 199 15.89 15.18 -1.05
CA LEU A 199 15.32 15.80 0.12
C LEU A 199 15.84 15.10 1.37
N PHE A 200 15.64 13.77 1.41
CA PHE A 200 16.10 12.97 2.52
C PHE A 200 17.54 12.50 2.31
N ASN A 201 18.47 13.47 2.25
CA ASN A 201 19.85 13.15 1.89
C ASN A 201 20.65 12.41 2.97
N LYS A 202 20.11 12.26 4.18
CA LYS A 202 20.80 11.48 5.21
C LYS A 202 20.09 10.14 5.43
N LEU A 203 19.08 9.85 4.61
CA LEU A 203 18.39 8.55 4.73
C LEU A 203 18.85 7.54 3.69
N SER A 204 18.45 6.29 3.87
CA SER A 204 18.67 5.28 2.86
C SER A 204 17.58 4.24 3.12
N GLU A 205 17.47 3.24 2.26
CA GLU A 205 16.43 2.21 2.45
C GLU A 205 16.62 1.51 3.78
N ARG A 206 17.86 1.11 4.05
CA ARG A 206 18.27 0.41 5.25
C ARG A 206 17.88 1.23 6.49
N LYS A 207 18.10 2.54 6.43
CA LYS A 207 17.90 3.39 7.61
C LYS A 207 16.41 3.51 7.83
N VAL A 208 15.62 3.66 6.76
CA VAL A 208 14.15 3.63 6.91
C VAL A 208 13.63 2.30 7.47
N TYR A 209 14.07 1.18 6.88
CA TYR A 209 13.66 -0.13 7.37
C TYR A 209 14.02 -0.31 8.85
N GLU A 210 15.19 0.18 9.25
CA GLU A 210 15.63 -0.03 10.64
C GLU A 210 14.77 0.80 11.60
N SER A 211 14.37 1.99 11.19
CA SER A 211 13.58 2.87 12.04
C SER A 211 12.11 2.41 12.12
N ILE A 212 11.50 2.07 11.01
CA ILE A 212 10.11 1.56 11.03
C ILE A 212 9.97 0.27 11.86
N LYS A 213 11.01 -0.54 11.88
CA LYS A 213 11.03 -1.78 12.61
C LYS A 213 10.54 -1.69 14.08
N GLN A 214 10.83 -0.57 14.74
CA GLN A 214 10.52 -0.37 16.17
C GLN A 214 9.03 -0.30 16.42
N PHE A 215 8.26 -0.01 15.37
CA PHE A 215 6.81 0.10 15.45
C PHE A 215 6.09 -1.21 15.01
N GLY A 216 6.85 -2.23 14.61
CA GLY A 216 6.26 -3.54 14.29
C GLY A 216 5.48 -3.59 12.98
N ILE A 217 5.74 -2.61 12.09
CA ILE A 217 5.02 -2.48 10.82
C ILE A 217 5.97 -2.17 9.67
N ARG A 218 5.45 -2.18 8.42
CA ARG A 218 6.21 -1.74 7.26
C ARG A 218 5.60 -0.39 6.77
N ILE A 219 6.36 0.33 5.95
CA ILE A 219 5.88 1.64 5.45
C ILE A 219 4.59 1.49 4.65
N LYS A 220 4.49 0.43 3.85
CA LYS A 220 3.24 0.20 3.13
C LYS A 220 2.04 0.00 4.04
N ASP A 221 2.27 -0.41 5.29
CA ASP A 221 1.13 -0.54 6.24
C ASP A 221 0.53 0.80 6.60
N LEU A 222 1.35 1.86 6.58
CA LEU A 222 0.87 3.20 6.82
C LEU A 222 -0.09 3.65 5.71
N ARG A 223 0.18 3.22 4.48
CA ARG A 223 -0.73 3.45 3.32
C ARG A 223 -2.05 2.66 3.49
N THR A 224 -1.97 1.35 3.77
CA THR A 224 -3.16 0.55 4.04
C THR A 224 -4.02 1.22 5.14
N TYR A 225 -3.37 1.65 6.21
CA TYR A 225 -4.06 2.32 7.29
C TYR A 225 -4.73 3.61 6.84
N GLY A 226 -3.98 4.43 6.10
CA GLY A 226 -4.45 5.75 5.71
C GLY A 226 -5.69 5.68 4.84
N VAL A 227 -5.72 4.70 3.95
CA VAL A 227 -6.89 4.45 3.10
C VAL A 227 -8.12 4.19 3.95
N ASN A 228 -8.02 3.24 4.87
CA ASN A 228 -9.13 2.93 5.78
C ASN A 228 -9.53 4.10 6.66
N TYR A 229 -8.56 4.73 7.31
CA TYR A 229 -8.80 5.93 8.10
C TYR A 229 -9.55 6.96 7.27
N THR A 230 -9.06 7.23 6.07
CA THR A 230 -9.68 8.21 5.18
C THR A 230 -11.12 7.81 4.78
N PHE A 231 -11.34 6.52 4.49
CA PHE A 231 -12.67 6.01 4.17
C PHE A 231 -13.61 6.31 5.33
N LEU A 232 -13.16 5.98 6.55
CA LEU A 232 -13.98 6.09 7.73
C LEU A 232 -14.34 7.54 7.99
N TYR A 233 -13.39 8.44 7.78
CA TYR A 233 -13.65 9.88 8.01
C TYR A 233 -14.74 10.40 7.08
N ASN A 234 -14.58 10.04 5.81
CA ASN A 234 -15.52 10.31 4.74
C ASN A 234 -16.89 9.66 4.96
N PHE A 235 -16.92 8.40 5.37
CA PHE A 235 -18.18 7.73 5.69
C PHE A 235 -18.97 8.48 6.77
N TRP A 236 -18.30 8.74 7.89
CA TRP A 236 -18.81 9.56 9.01
C TRP A 236 -19.32 10.92 8.54
N THR A 237 -18.46 11.65 7.83
CA THR A 237 -18.84 12.95 7.31
C THR A 237 -20.04 12.84 6.40
N ASN A 238 -20.01 11.86 5.49
CA ASN A 238 -21.17 11.63 4.61
C ASN A 238 -22.47 11.35 5.34
N VAL A 239 -22.44 10.40 6.28
CA VAL A 239 -23.62 10.07 7.03
C VAL A 239 -24.12 11.34 7.73
N LYS A 240 -23.20 12.13 8.25
CA LYS A 240 -23.54 13.38 8.97
C LYS A 240 -23.97 14.55 8.06
N SER A 241 -23.55 14.56 6.79
CA SER A 241 -23.72 15.80 5.99
C SER A 241 -24.82 15.87 4.90
N ILE A 242 -24.93 14.85 4.06
CA ILE A 242 -25.73 14.93 2.82
C ILE A 242 -27.23 14.75 3.08
N SER A 243 -27.98 15.81 2.78
CA SER A 243 -29.36 15.99 3.28
C SER A 243 -30.30 14.80 3.00
N PRO A 244 -30.70 14.58 1.73
CA PRO A 244 -31.38 13.30 1.58
C PRO A 244 -30.27 12.27 1.42
N LEU A 245 -30.27 11.24 2.28
CA LEU A 245 -29.24 10.20 2.25
C LEU A 245 -29.30 9.40 0.95
N PRO A 246 -28.17 9.33 0.22
CA PRO A 246 -28.04 8.37 -0.88
C PRO A 246 -28.40 6.94 -0.45
N SER A 247 -28.67 6.08 -1.45
CA SER A 247 -28.81 4.65 -1.22
C SER A 247 -27.47 4.08 -0.70
N PRO A 248 -27.52 2.94 0.03
CA PRO A 248 -26.33 2.20 0.47
C PRO A 248 -25.22 2.14 -0.59
N LYS A 249 -25.51 1.46 -1.68
CA LYS A 249 -24.63 1.40 -2.85
C LYS A 249 -24.06 2.77 -3.19
N LYS A 250 -24.93 3.77 -3.34
CA LYS A 250 -24.48 5.08 -3.77
C LYS A 250 -23.47 5.68 -2.78
N LEU A 251 -23.72 5.44 -1.49
CA LEU A 251 -22.94 5.97 -0.38
C LEU A 251 -21.57 5.34 -0.30
N ILE A 252 -21.53 4.01 -0.29
CA ILE A 252 -20.24 3.32 -0.31
C ILE A 252 -19.44 3.82 -1.52
N ALA A 253 -20.05 3.80 -2.71
CA ALA A 253 -19.43 4.29 -3.95
C ALA A 253 -18.87 5.71 -3.86
N LEU A 254 -19.66 6.63 -3.30
CA LEU A 254 -19.24 8.00 -3.09
C LEU A 254 -18.04 8.04 -2.14
N THR A 255 -18.13 7.25 -1.08
CA THR A 255 -17.08 7.32 -0.06
C THR A 255 -15.76 6.79 -0.65
N ILE A 256 -15.84 5.70 -1.42
CA ILE A 256 -14.63 5.13 -2.05
C ILE A 256 -14.05 6.13 -3.04
N LYS A 257 -14.89 6.74 -3.83
CA LYS A 257 -14.44 7.67 -4.84
C LYS A 257 -13.67 8.81 -4.16
N GLN A 258 -14.20 9.29 -3.04
CA GLN A 258 -13.61 10.41 -2.30
C GLN A 258 -12.27 9.97 -1.72
N THR A 259 -12.25 8.77 -1.13
CA THR A 259 -11.04 8.22 -0.49
C THR A 259 -9.91 8.01 -1.52
N ALA A 260 -10.26 7.33 -2.61
CA ALA A 260 -9.32 7.10 -3.72
C ALA A 260 -8.71 8.39 -4.29
N GLU A 261 -9.49 9.46 -4.33
CA GLU A 261 -8.99 10.73 -4.84
C GLU A 261 -8.02 11.41 -3.85
N VAL A 262 -8.28 11.31 -2.54
CA VAL A 262 -7.30 11.80 -1.56
C VAL A 262 -5.97 11.03 -1.72
N VAL A 263 -6.06 9.71 -1.85
CA VAL A 263 -4.87 8.84 -1.83
C VAL A 263 -4.08 8.88 -3.15
N GLY A 264 -4.82 9.00 -4.26
CA GLY A 264 -4.21 9.16 -5.57
C GLY A 264 -4.17 7.89 -6.42
N HIS A 265 -5.13 6.97 -6.24
CA HIS A 265 -5.19 5.77 -7.08
C HIS A 265 -6.66 5.56 -7.45
N THR A 266 -6.99 4.50 -8.21
CA THR A 266 -8.37 4.31 -8.69
C THR A 266 -9.29 3.82 -7.58
N PRO A 267 -10.58 4.15 -7.67
CA PRO A 267 -11.52 3.52 -6.76
C PRO A 267 -11.43 2.00 -6.77
N SER A 268 -11.24 1.40 -7.95
CA SER A 268 -11.16 -0.05 -8.04
C SER A 268 -10.02 -0.61 -7.14
N ILE A 269 -8.81 -0.07 -7.22
CA ILE A 269 -7.72 -0.65 -6.42
C ILE A 269 -7.85 -0.32 -4.93
N SER A 270 -8.40 0.85 -4.62
CA SER A 270 -8.71 1.24 -3.25
C SER A 270 -9.51 0.14 -2.53
N LYS A 271 -10.56 -0.37 -3.19
CA LYS A 271 -11.43 -1.35 -2.57
C LYS A 271 -10.82 -2.74 -2.64
N ARG A 272 -10.21 -3.08 -3.78
CA ARG A 272 -9.66 -4.41 -4.02
C ARG A 272 -8.45 -4.69 -3.10
N ALA A 273 -7.60 -3.69 -2.93
CA ALA A 273 -6.30 -3.93 -2.33
C ALA A 273 -6.00 -3.17 -1.03
N TYR A 274 -6.89 -2.27 -0.62
CA TYR A 274 -6.62 -1.46 0.58
C TYR A 274 -7.67 -1.60 1.67
N MET A 275 -8.94 -1.52 1.28
CA MET A 275 -10.01 -1.51 2.29
C MET A 275 -9.98 -2.81 3.08
N ALA A 276 -10.08 -2.68 4.40
CA ALA A 276 -10.18 -3.83 5.28
C ALA A 276 -11.50 -4.50 5.00
N THR A 277 -11.48 -5.81 4.83
CA THR A 277 -12.71 -6.51 4.45
C THR A 277 -13.84 -6.39 5.50
N THR A 278 -13.49 -6.41 6.78
CA THR A 278 -14.54 -6.29 7.79
C THR A 278 -15.20 -4.90 7.77
N ILE A 279 -14.43 -3.87 7.41
CA ILE A 279 -14.97 -2.52 7.38
C ILE A 279 -16.05 -2.42 6.33
N LEU A 280 -15.78 -3.06 5.19
CA LEU A 280 -16.63 -3.04 4.03
C LEU A 280 -17.94 -3.73 4.30
N GLU A 281 -17.87 -4.90 4.93
CA GLU A 281 -19.07 -5.62 5.29
C GLU A 281 -19.89 -4.98 6.43
N MET A 282 -19.23 -4.29 7.36
CA MET A 282 -19.99 -3.70 8.46
C MET A 282 -20.77 -2.46 8.00
N VAL A 283 -20.28 -1.84 6.93
CA VAL A 283 -20.86 -0.66 6.31
C VAL A 283 -22.07 -1.00 5.38
N LYS A 284 -22.30 -2.30 5.19
CA LYS A 284 -23.45 -2.81 4.44
C LYS A 284 -24.60 -3.08 5.40
N ASP A 285 -24.26 -3.35 6.66
CA ASP A 285 -25.22 -3.62 7.72
C ASP A 285 -26.09 -2.38 8.00
N LYS A 286 -27.40 -2.51 7.77
CA LYS A 286 -28.28 -1.36 7.94
C LYS A 286 -28.45 -1.00 9.42
N ASN A 287 -28.03 -1.94 10.30
CA ASN A 287 -28.06 -1.71 11.75
C ASN A 287 -26.95 -0.76 12.18
N PHE A 288 -25.98 -0.55 11.29
CA PHE A 288 -24.79 0.24 11.61
C PHE A 288 -25.01 1.75 11.54
N LEU A 289 -25.62 2.23 10.45
CA LEU A 289 -25.96 3.64 10.28
C LEU A 289 -26.43 4.38 11.55
N ASP A 290 -27.22 3.72 12.40
CA ASP A 290 -27.73 4.35 13.63
C ASP A 290 -26.65 4.58 14.69
N VAL A 291 -25.73 3.63 14.81
CA VAL A 291 -24.54 3.79 15.68
C VAL A 291 -23.75 5.06 15.33
N VAL A 292 -23.49 5.27 14.04
CA VAL A 292 -22.83 6.48 13.53
C VAL A 292 -23.49 7.80 13.99
N SER A 293 -24.83 7.83 13.98
CA SER A 293 -25.63 9.04 14.27
C SER A 293 -25.00 10.01 15.25
N LYS A 294 -24.83 9.55 16.49
CA LYS A 294 -24.39 10.42 17.59
C LYS A 294 -23.03 10.04 18.16
N THR A 295 -22.08 9.75 17.27
CA THR A 295 -20.70 9.58 17.67
C THR A 295 -19.87 10.80 17.23
N THR A 296 -18.78 11.04 18.02
CA THR A 296 -17.65 11.84 17.55
C THR A 296 -16.91 10.93 16.57
N PHE A 297 -16.07 11.49 15.71
CA PHE A 297 -15.27 10.67 14.81
C PHE A 297 -14.45 9.63 15.57
N ASP A 298 -13.84 10.04 16.68
CA ASP A 298 -12.94 9.16 17.42
C ASP A 298 -13.70 8.05 18.14
N GLU A 299 -14.85 8.39 18.70
CA GLU A 299 -15.78 7.38 19.23
C GLU A 299 -16.11 6.40 18.09
N PHE A 300 -16.44 6.96 16.92
CA PHE A 300 -16.82 6.16 15.77
C PHE A 300 -15.66 5.26 15.31
N LEU A 301 -14.48 5.84 15.25
CA LEU A 301 -13.29 5.10 14.85
C LEU A 301 -13.01 3.99 15.85
N SER A 302 -13.17 4.32 17.12
CA SER A 302 -12.92 3.43 18.24
C SER A 302 -13.83 2.19 18.27
N ILE A 303 -15.14 2.40 18.04
CA ILE A 303 -16.12 1.31 17.77
C ILE A 303 -15.74 0.43 16.53
N VAL A 304 -15.33 1.07 15.44
CA VAL A 304 -14.91 0.30 14.25
C VAL A 304 -13.69 -0.57 14.54
N VAL A 305 -12.66 0.03 15.11
CA VAL A 305 -11.49 -0.73 15.54
C VAL A 305 -11.86 -1.91 16.43
N ASP A 306 -12.68 -1.67 17.46
CA ASP A 306 -13.13 -2.74 18.34
C ASP A 306 -13.89 -3.83 17.58
N HIS A 307 -14.78 -3.46 16.65
CA HIS A 307 -15.49 -4.47 15.86
C HIS A 307 -14.56 -5.26 14.96
N VAL A 308 -13.56 -4.60 14.39
CA VAL A 308 -12.59 -5.27 13.55
C VAL A 308 -11.74 -6.21 14.39
N LYS A 309 -11.34 -5.78 15.59
CA LYS A 309 -10.57 -6.59 16.54
C LYS A 309 -11.26 -7.94 16.84
N SER A 310 -12.52 -7.86 17.25
CA SER A 310 -13.28 -9.02 17.69
C SER A 310 -13.79 -9.85 16.51
N SER A 311 -13.60 -9.34 15.31
CA SER A 311 -14.04 -10.02 14.09
C SER A 311 -12.89 -10.63 13.30
N THR A 312 -11.67 -10.15 13.54
CA THR A 312 -10.48 -10.80 12.96
C THR A 312 -10.10 -12.05 13.76
N ASP A 313 -10.39 -12.02 15.06
CA ASP A 313 -10.41 -13.21 15.93
C ASP A 313 -10.70 -12.86 17.40
V VO4 E . -1.08 0.85 -4.55
O1 VO4 E . -2.00 2.35 -4.55
O2 VO4 E . 0.67 1.23 -4.20
#